data_9H15
#
_entry.id   9H15
#
_cell.length_a   70.623
_cell.length_b   79.043
_cell.length_c   126.250
_cell.angle_alpha   90.000
_cell.angle_beta   90.000
_cell.angle_gamma   90.000
#
_symmetry.space_group_name_H-M   'P 21 21 21'
#
loop_
_entity.id
_entity.type
_entity.pdbx_description
1 polymer Beta-lactamase
2 non-polymer (2S,5R)-N-(2-aminoethoxy)-1-formyl-5-[(sulfooxy)amino]piperidine-2-carboxamide
3 non-polymer 1,2-ETHANEDIOL
4 non-polymer GLYCEROL
5 non-polymer DI(HYDROXYETHYL)ETHER
6 non-polymer 'CHLORIDE ION'
7 non-polymer 'DIMETHYL SULFOXIDE'
8 water water
#
_entity_poly.entity_id   1
_entity_poly.type   'polypeptide(L)'
_entity_poly.pdbx_seq_one_letter_code
;GPKEWQENKSWNAHFTEHKSQGVVVLWNENKQQGFTNNLKRANQAFLPASTFKIPNSLIALDLGVVKDEHQVFKWDGQTR
DIATWNRDHNLITAMKYSVVPVYQEFARQIGEARMSKMLHAFDYGNEDISGNVDSFWLDGGIRISATEQISFLRKLYHNK
LHVSERSQRIVKQAMLTEANGDYIIRAKTGYDTKIGWWVGWVELDDNVWFFAMNMDMPTSDGLGLRQAITKEVLKQEKII
P
;
_entity_poly.pdbx_strand_id   A,B
#
# COMPACT_ATOMS: atom_id res chain seq x y z
N LYS A 3 10.44 21.68 -24.27
CA LYS A 3 9.22 20.90 -24.31
C LYS A 3 9.34 19.66 -23.41
N GLU A 4 10.55 19.10 -23.27
CA GLU A 4 10.73 17.99 -22.35
C GLU A 4 10.69 18.47 -20.91
N TRP A 5 11.15 19.68 -20.65
CA TRP A 5 11.04 20.31 -19.34
C TRP A 5 10.37 21.67 -19.52
N GLN A 6 9.35 21.93 -18.71
CA GLN A 6 8.65 23.21 -18.78
C GLN A 6 8.60 23.84 -17.39
N GLU A 7 8.63 25.16 -17.40
CA GLU A 7 8.60 25.96 -16.19
C GLU A 7 7.20 26.55 -16.04
N ASN A 8 6.66 26.50 -14.83
CA ASN A 8 5.32 27.02 -14.56
C ASN A 8 5.50 27.85 -13.30
N LYS A 9 5.78 29.14 -13.50
CA LYS A 9 6.00 30.07 -12.41
C LYS A 9 4.72 30.41 -11.64
N SER A 10 3.55 30.05 -12.17
CA SER A 10 2.33 30.28 -11.41
C SER A 10 2.33 29.48 -10.10
N TRP A 11 3.11 28.39 -10.02
CA TRP A 11 3.19 27.64 -8.77
C TRP A 11 3.82 28.45 -7.65
N ASN A 12 4.61 29.47 -8.00
CA ASN A 12 5.28 30.28 -6.98
C ASN A 12 4.29 30.92 -6.01
N ALA A 13 3.06 31.19 -6.47
CA ALA A 13 2.01 31.67 -5.57
C ALA A 13 1.73 30.71 -4.42
N HIS A 14 2.02 29.42 -4.59
CA HIS A 14 1.79 28.50 -3.47
C HIS A 14 2.88 28.67 -2.41
N PHE A 15 4.08 29.06 -2.81
CA PHE A 15 5.11 29.42 -1.85
C PHE A 15 4.89 30.83 -1.31
N THR A 16 4.44 31.73 -2.19
CA THR A 16 4.24 33.12 -1.80
C THR A 16 3.19 33.24 -0.71
N GLU A 17 2.08 32.51 -0.85
CA GLU A 17 0.99 32.65 0.11
C GLU A 17 1.41 32.23 1.50
N HIS A 18 2.49 31.46 1.63
CA HIS A 18 2.98 31.01 2.93
C HIS A 18 4.30 31.67 3.30
N LYS A 19 4.65 32.76 2.63
CA LYS A 19 5.86 33.52 2.95
C LYS A 19 7.10 32.63 2.93
N SER A 20 7.13 31.68 1.99
N SER A 20 7.14 31.66 2.02
CA SER A 20 8.17 30.67 1.89
CA SER A 20 8.35 30.86 1.93
C SER A 20 8.77 30.66 0.48
C SER A 20 8.81 30.69 0.49
N GLN A 21 9.79 29.82 0.29
CA GLN A 21 10.48 29.67 -0.98
C GLN A 21 10.89 28.22 -1.18
N GLY A 22 10.74 27.75 -2.40
CA GLY A 22 11.18 26.40 -2.69
C GLY A 22 10.88 26.03 -4.12
N VAL A 23 11.02 24.75 -4.40
CA VAL A 23 10.82 24.21 -5.73
C VAL A 23 9.91 22.99 -5.61
N VAL A 24 8.98 22.86 -6.56
CA VAL A 24 8.23 21.62 -6.78
C VAL A 24 8.62 21.13 -8.17
N VAL A 25 8.99 19.85 -8.27
CA VAL A 25 9.29 19.21 -9.55
C VAL A 25 8.30 18.09 -9.73
N LEU A 26 7.60 18.07 -10.87
CA LEU A 26 6.69 16.98 -11.23
C LEU A 26 7.22 16.27 -12.46
N TRP A 27 7.02 14.94 -12.52
CA TRP A 27 7.32 14.17 -13.71
C TRP A 27 6.08 13.40 -14.12
N ASN A 28 5.63 13.62 -15.35
CA ASN A 28 4.51 12.88 -15.91
C ASN A 28 5.10 11.68 -16.63
N GLU A 29 4.83 10.48 -16.09
CA GLU A 29 5.52 9.30 -16.59
C GLU A 29 4.99 8.91 -17.97
N ASN A 30 3.67 8.90 -18.14
CA ASN A 30 3.12 8.57 -19.46
C ASN A 30 3.69 9.48 -20.52
N LYS A 31 3.70 10.78 -20.25
CA LYS A 31 4.05 11.75 -21.27
C LYS A 31 5.54 12.05 -21.33
N GLN A 32 6.33 11.49 -20.42
CA GLN A 32 7.78 11.71 -20.37
C GLN A 32 8.12 13.20 -20.34
N GLN A 33 7.43 13.94 -19.46
CA GLN A 33 7.56 15.39 -19.41
C GLN A 33 7.75 15.85 -17.98
N GLY A 34 8.65 16.82 -17.78
CA GLY A 34 8.89 17.42 -16.48
C GLY A 34 8.32 18.82 -16.39
N PHE A 35 7.96 19.23 -15.17
CA PHE A 35 7.39 20.53 -14.87
C PHE A 35 7.92 21.00 -13.52
N THR A 36 8.27 22.28 -13.44
CA THR A 36 8.74 22.86 -12.19
C THR A 36 8.47 24.36 -12.19
N ASN A 37 8.46 24.93 -10.98
CA ASN A 37 8.34 26.38 -10.87
C ASN A 37 9.69 27.09 -10.96
N ASN A 38 10.80 26.37 -10.85
CA ASN A 38 12.10 27.02 -10.81
C ASN A 38 13.14 26.03 -11.34
N LEU A 39 13.44 26.13 -12.64
CA LEU A 39 14.37 25.20 -13.29
C LEU A 39 15.74 25.19 -12.61
N LYS A 40 16.21 26.34 -12.15
CA LYS A 40 17.49 26.39 -11.45
C LYS A 40 17.44 25.63 -10.13
N ARG A 41 16.55 26.02 -9.22
CA ARG A 41 16.55 25.37 -7.91
C ARG A 41 16.18 23.90 -8.02
N ALA A 42 15.49 23.50 -9.08
CA ALA A 42 15.18 22.09 -9.30
C ALA A 42 16.43 21.24 -9.48
N ASN A 43 17.56 21.85 -9.81
CA ASN A 43 18.85 21.18 -9.92
C ASN A 43 19.79 21.51 -8.77
N GLN A 44 19.34 22.27 -7.77
CA GLN A 44 20.18 22.49 -6.60
C GLN A 44 20.17 21.27 -5.69
N ALA A 45 21.35 20.83 -5.31
CA ALA A 45 21.53 19.63 -4.52
C ALA A 45 21.69 19.98 -3.04
N PHE A 46 20.98 19.25 -2.19
CA PHE A 46 20.91 19.47 -0.75
C PHE A 46 21.13 18.14 -0.03
N LEU A 47 21.45 18.24 1.27
CA LEU A 47 21.46 17.05 2.11
C LEU A 47 20.13 16.31 1.97
N PRO A 48 20.15 14.99 1.79
CA PRO A 48 18.86 14.27 1.66
C PRO A 48 18.11 14.18 2.96
N ALA A 49 18.78 14.29 4.11
CA ALA A 49 18.18 14.08 5.42
C ALA A 49 17.33 12.80 5.40
N SER A 50 16.13 12.83 6.01
CA SER A 50 15.35 11.61 6.19
C SER A 50 14.88 10.99 4.88
N THR A 51 14.89 11.74 3.77
CA THR A 51 14.57 11.09 2.50
C THR A 51 15.60 10.05 2.14
N PHE A 52 16.78 10.10 2.76
CA PHE A 52 17.77 9.04 2.59
C PHE A 52 17.29 7.70 3.13
N LYS A 53 16.16 7.67 3.84
CA LYS A 53 15.69 6.39 4.37
C LYS A 53 15.26 5.45 3.25
N ILE A 54 14.91 5.98 2.08
CA ILE A 54 14.54 5.17 0.93
C ILE A 54 15.76 4.33 0.53
N PRO A 55 16.87 4.93 0.06
CA PRO A 55 18.00 4.09 -0.34
C PRO A 55 18.59 3.32 0.84
N ASN A 56 18.59 3.92 2.03
CA ASN A 56 19.07 3.21 3.22
C ASN A 56 18.28 1.92 3.46
N SER A 57 16.95 2.00 3.37
CA SER A 57 16.13 0.79 3.49
C SER A 57 16.50 -0.24 2.44
N LEU A 58 16.64 0.20 1.18
CA LEU A 58 16.98 -0.72 0.10
C LEU A 58 18.28 -1.47 0.39
N ILE A 59 19.31 -0.74 0.81
CA ILE A 59 20.59 -1.37 1.07
C ILE A 59 20.51 -2.34 2.23
N ALA A 60 19.85 -1.94 3.32
CA ALA A 60 19.77 -2.81 4.51
C ALA A 60 18.98 -4.07 4.21
N LEU A 61 17.90 -3.94 3.44
CA LEU A 61 17.17 -5.12 3.03
C LEU A 61 18.02 -6.02 2.15
N ASP A 62 18.71 -5.46 1.16
CA ASP A 62 19.33 -6.33 0.17
C ASP A 62 20.58 -7.00 0.70
N LEU A 63 21.27 -6.37 1.67
CA LEU A 63 22.39 -7.00 2.32
C LEU A 63 21.96 -7.92 3.46
N GLY A 64 20.69 -7.94 3.81
CA GLY A 64 20.24 -8.79 4.90
C GLY A 64 20.45 -8.20 6.27
N VAL A 65 20.69 -6.89 6.34
CA VAL A 65 20.70 -6.21 7.62
C VAL A 65 19.29 -6.13 8.17
N VAL A 66 18.30 -5.99 7.30
CA VAL A 66 16.90 -6.11 7.66
C VAL A 66 16.33 -7.34 6.95
N LYS A 67 15.78 -8.27 7.72
CA LYS A 67 15.29 -9.52 7.16
C LYS A 67 13.97 -9.32 6.41
N ASP A 68 13.06 -8.54 6.99
CA ASP A 68 11.79 -8.22 6.33
C ASP A 68 11.18 -7.01 7.01
N GLU A 69 9.96 -6.67 6.61
CA GLU A 69 9.30 -5.47 7.11
C GLU A 69 8.74 -5.64 8.52
N HIS A 70 8.75 -6.85 9.08
CA HIS A 70 8.24 -7.11 10.42
C HIS A 70 9.32 -7.21 11.47
N GLN A 71 10.55 -7.50 11.06
CA GLN A 71 11.65 -7.61 12.03
C GLN A 71 11.66 -6.40 12.96
N VAL A 72 11.76 -6.68 14.25
CA VAL A 72 11.66 -5.64 15.27
C VAL A 72 13.07 -5.18 15.64
N PHE A 73 13.25 -3.86 15.71
CA PHE A 73 14.48 -3.25 16.19
C PHE A 73 14.16 -2.56 17.51
N LYS A 74 14.65 -3.13 18.61
CA LYS A 74 14.22 -2.70 19.92
C LYS A 74 14.71 -1.29 20.23
N TRP A 75 13.91 -0.58 21.02
CA TRP A 75 14.35 0.71 21.54
C TRP A 75 15.63 0.53 22.34
N ASP A 76 16.57 1.45 22.16
CA ASP A 76 17.82 1.36 22.90
C ASP A 76 17.74 1.95 24.30
N GLY A 77 16.57 2.42 24.73
CA GLY A 77 16.44 2.95 26.07
C GLY A 77 16.92 4.37 26.22
N GLN A 78 17.47 4.97 25.16
CA GLN A 78 17.82 6.38 25.18
C GLN A 78 16.56 7.19 24.90
N THR A 79 16.22 8.11 25.81
CA THR A 79 15.05 8.96 25.63
C THR A 79 15.43 10.12 24.72
N ARG A 80 14.72 10.27 23.61
CA ARG A 80 15.06 11.29 22.63
C ARG A 80 13.91 12.27 22.49
N ASP A 81 14.17 13.39 21.80
CA ASP A 81 13.23 14.50 21.77
C ASP A 81 11.92 14.14 21.06
N ILE A 82 11.90 13.08 20.26
CA ILE A 82 10.71 12.73 19.50
C ILE A 82 10.15 11.44 20.07
N ALA A 83 9.04 11.57 20.82
CA ALA A 83 8.52 10.48 21.65
C ALA A 83 8.35 9.19 20.84
N THR A 84 7.84 9.30 19.61
CA THR A 84 7.66 8.11 18.77
C THR A 84 8.94 7.34 18.51
N TRP A 85 10.10 7.92 18.77
CA TRP A 85 11.34 7.19 18.58
C TRP A 85 11.68 6.29 19.75
N ASN A 86 11.08 6.50 20.92
CA ASN A 86 11.46 5.79 22.13
C ASN A 86 10.52 4.61 22.32
N ARG A 87 10.66 3.65 21.42
CA ARG A 87 9.82 2.47 21.37
C ARG A 87 10.40 1.57 20.29
N ASP A 88 10.03 0.30 20.32
CA ASP A 88 10.48 -0.62 19.28
C ASP A 88 9.82 -0.29 17.95
N HIS A 89 10.53 -0.58 16.87
CA HIS A 89 10.05 -0.35 15.53
C HIS A 89 10.38 -1.52 14.64
N ASN A 90 9.58 -1.67 13.59
CA ASN A 90 9.94 -2.43 12.41
C ASN A 90 10.21 -1.42 11.30
N LEU A 91 10.60 -1.91 10.13
CA LEU A 91 10.96 -1.02 9.03
C LEU A 91 9.81 -0.09 8.66
N ILE A 92 8.58 -0.59 8.70
CA ILE A 92 7.42 0.20 8.29
C ILE A 92 7.17 1.34 9.26
N THR A 93 7.09 1.02 10.56
CA THR A 93 6.93 2.09 11.54
C THR A 93 8.18 2.95 11.62
N ALA A 94 9.37 2.38 11.34
CA ALA A 94 10.59 3.19 11.36
C ALA A 94 10.57 4.26 10.28
N MET A 95 10.02 3.92 9.11
N MET A 95 9.98 3.95 9.12
CA MET A 95 9.84 4.89 8.04
CA MET A 95 9.90 4.97 8.08
C MET A 95 8.79 5.93 8.43
C MET A 95 8.76 5.95 8.35
N LYS A 96 7.64 5.47 8.92
CA LYS A 96 6.50 6.35 9.18
C LYS A 96 6.82 7.42 10.21
N TYR A 97 7.56 7.07 11.26
CA TYR A 97 7.96 8.04 12.27
C TYR A 97 9.37 8.54 12.06
N SER A 98 10.01 8.14 10.96
CA SER A 98 11.33 8.62 10.57
C SER A 98 12.31 8.49 11.74
N VAL A 99 12.39 7.28 12.29
CA VAL A 99 13.18 7.04 13.50
C VAL A 99 14.64 6.94 13.06
N VAL A 100 15.36 8.07 13.17
CA VAL A 100 16.76 8.11 12.74
C VAL A 100 17.63 7.06 13.43
N PRO A 101 17.60 6.90 14.76
CA PRO A 101 18.53 5.95 15.40
C PRO A 101 18.47 4.54 14.84
N VAL A 102 17.27 4.10 14.45
CA VAL A 102 17.14 2.80 13.79
C VAL A 102 18.02 2.76 12.54
N TYR A 103 17.89 3.78 11.68
CA TYR A 103 18.61 3.82 10.42
C TYR A 103 20.10 4.11 10.60
N GLN A 104 20.46 4.78 11.69
CA GLN A 104 21.88 4.96 11.96
C GLN A 104 22.54 3.62 12.26
N GLU A 105 21.82 2.75 12.99
CA GLU A 105 22.29 1.39 13.25
C GLU A 105 22.36 0.58 11.96
N PHE A 106 21.34 0.70 11.10
CA PHE A 106 21.40 0.14 9.75
C PHE A 106 22.71 0.51 9.07
N ALA A 107 23.02 1.81 9.05
CA ALA A 107 24.19 2.33 8.36
C ALA A 107 25.48 1.72 8.92
N ARG A 108 25.61 1.71 10.24
CA ARG A 108 26.79 1.12 10.85
C ARG A 108 26.96 -0.33 10.42
N GLN A 109 25.86 -1.06 10.26
CA GLN A 109 25.99 -2.46 9.91
C GLN A 109 26.34 -2.62 8.43
N ILE A 110 25.75 -1.77 7.58
CA ILE A 110 26.15 -1.75 6.18
C ILE A 110 27.65 -1.50 6.05
N GLY A 111 28.15 -0.47 6.72
CA GLY A 111 29.55 -0.09 6.66
C GLY A 111 29.84 0.89 5.55
N GLU A 112 30.99 1.57 5.68
CA GLU A 112 31.37 2.61 4.72
C GLU A 112 31.49 2.06 3.30
N ALA A 113 32.27 1.00 3.13
CA ALA A 113 32.57 0.47 1.80
C ALA A 113 31.29 0.11 1.05
N ARG A 114 30.41 -0.66 1.69
CA ARG A 114 29.21 -1.13 1.00
C ARG A 114 28.21 -0.01 0.79
N MET A 115 28.10 0.92 1.74
CA MET A 115 27.21 2.06 1.56
C MET A 115 27.63 2.85 0.33
N SER A 116 28.92 3.20 0.27
CA SER A 116 29.47 3.92 -0.88
C SER A 116 29.29 3.14 -2.17
N LYS A 117 29.58 1.84 -2.14
CA LYS A 117 29.43 1.05 -3.36
C LYS A 117 27.98 1.03 -3.83
N MET A 118 27.03 0.97 -2.89
CA MET A 118 25.61 0.85 -3.25
C MET A 118 25.06 2.15 -3.84
N LEU A 119 25.50 3.30 -3.33
CA LEU A 119 25.00 4.57 -3.83
C LEU A 119 25.47 4.80 -5.26
N HIS A 120 26.69 4.37 -5.56
CA HIS A 120 27.19 4.43 -6.93
C HIS A 120 26.34 3.57 -7.85
N ALA A 121 26.04 2.34 -7.40
CA ALA A 121 25.13 1.49 -8.15
C ALA A 121 23.77 2.16 -8.34
N PHE A 122 23.31 2.92 -7.34
CA PHE A 122 22.05 3.66 -7.44
C PHE A 122 22.18 4.95 -8.23
N ASP A 123 23.39 5.40 -8.56
CA ASP A 123 23.58 6.70 -9.20
C ASP A 123 23.04 7.83 -8.35
N TYR A 124 23.11 7.68 -7.03
CA TYR A 124 22.32 8.50 -6.12
C TYR A 124 23.05 9.80 -5.82
N GLY A 125 22.50 10.92 -6.31
CA GLY A 125 23.03 12.24 -5.99
C GLY A 125 24.49 12.37 -6.37
N ASN A 126 25.27 12.96 -5.48
CA ASN A 126 26.70 13.06 -5.75
C ASN A 126 27.49 11.87 -5.22
N GLU A 127 26.80 10.85 -4.68
CA GLU A 127 27.41 9.56 -4.31
C GLU A 127 28.58 9.74 -3.34
N ASP A 128 28.49 10.74 -2.47
CA ASP A 128 29.56 11.13 -1.55
C ASP A 128 29.09 10.82 -0.13
N ILE A 129 29.80 9.94 0.57
CA ILE A 129 29.36 9.58 1.92
C ILE A 129 30.34 10.09 2.98
N SER A 130 31.19 11.06 2.63
CA SER A 130 32.13 11.57 3.61
C SER A 130 31.40 12.16 4.81
N GLY A 131 31.98 11.96 5.97
CA GLY A 131 31.33 12.20 7.23
C GLY A 131 31.23 10.91 8.00
N ASN A 132 30.45 10.95 9.07
CA ASN A 132 30.18 9.75 9.83
C ASN A 132 29.33 8.80 9.00
N VAL A 133 29.70 7.50 9.03
CA VAL A 133 28.95 6.53 8.24
C VAL A 133 27.50 6.45 8.70
N ASP A 134 27.23 6.82 9.95
CA ASP A 134 25.87 6.78 10.48
C ASP A 134 25.25 8.17 10.60
N SER A 135 25.85 9.20 9.98
CA SER A 135 25.17 10.50 9.94
C SER A 135 25.45 11.33 8.69
N PHE A 136 26.14 10.80 7.67
CA PHE A 136 26.59 11.65 6.58
C PHE A 136 25.42 12.28 5.80
N TRP A 137 24.27 11.61 5.76
CA TRP A 137 23.09 12.16 5.08
C TRP A 137 22.38 13.23 5.90
N LEU A 138 22.84 13.47 7.13
CA LEU A 138 22.34 14.56 7.94
C LEU A 138 23.31 15.72 8.01
N ASP A 139 24.61 15.44 7.93
CA ASP A 139 25.59 16.49 8.13
C ASP A 139 26.92 16.17 7.47
N GLY A 140 26.96 15.30 6.47
CA GLY A 140 28.21 15.01 5.79
C GLY A 140 28.21 15.52 4.36
N GLY A 141 28.82 14.75 3.45
CA GLY A 141 29.07 15.24 2.10
C GLY A 141 28.00 14.98 1.05
N ILE A 142 27.06 14.09 1.34
CA ILE A 142 26.09 13.67 0.33
C ILE A 142 25.17 14.85 -0.02
N ARG A 143 24.87 14.98 -1.30
CA ARG A 143 23.96 16.02 -1.80
C ARG A 143 23.15 15.43 -2.93
N ILE A 144 21.90 15.88 -3.05
CA ILE A 144 21.00 15.41 -4.11
C ILE A 144 20.01 16.53 -4.42
N SER A 145 19.68 16.68 -5.69
CA SER A 145 18.71 17.67 -6.13
C SER A 145 17.32 17.02 -6.25
N ALA A 146 16.30 17.88 -6.46
CA ALA A 146 14.94 17.37 -6.68
C ALA A 146 14.86 16.54 -7.95
N THR A 147 15.44 17.01 -9.07
CA THR A 147 15.41 16.19 -10.28
C THR A 147 16.18 14.90 -10.09
N GLU A 148 17.28 14.92 -9.34
CA GLU A 148 17.99 13.68 -9.03
C GLU A 148 17.11 12.72 -8.23
N GLN A 149 16.39 13.24 -7.24
CA GLN A 149 15.41 12.45 -6.50
C GLN A 149 14.42 11.78 -7.44
N ILE A 150 13.91 12.53 -8.42
CA ILE A 150 12.93 11.95 -9.34
C ILE A 150 13.54 10.84 -10.16
N SER A 151 14.76 11.05 -10.65
CA SER A 151 15.42 10.01 -11.45
C SER A 151 15.67 8.74 -10.62
N PHE A 152 15.95 8.90 -9.33
CA PHE A 152 16.11 7.75 -8.44
C PHE A 152 14.76 7.08 -8.16
N LEU A 153 13.73 7.89 -7.85
CA LEU A 153 12.40 7.34 -7.58
C LEU A 153 11.83 6.59 -8.77
N ARG A 154 12.12 7.06 -9.99
CA ARG A 154 11.61 6.38 -11.17
C ARG A 154 12.22 4.99 -11.34
N LYS A 155 13.52 4.85 -11.04
CA LYS A 155 14.11 3.52 -11.11
C LYS A 155 13.49 2.59 -10.06
N LEU A 156 13.25 3.12 -8.85
CA LEU A 156 12.62 2.33 -7.81
C LEU A 156 11.22 1.89 -8.23
N TYR A 157 10.43 2.84 -8.77
CA TYR A 157 9.11 2.52 -9.27
C TYR A 157 9.15 1.37 -10.27
N HIS A 158 10.14 1.36 -11.17
CA HIS A 158 10.19 0.32 -12.19
C HIS A 158 11.05 -0.87 -11.78
N ASN A 159 11.39 -1.00 -10.50
CA ASN A 159 12.25 -2.08 -10.03
C ASN A 159 13.59 -2.12 -10.78
N LYS A 160 14.06 -0.98 -11.28
CA LYS A 160 15.29 -0.95 -12.05
C LYS A 160 16.53 -0.64 -11.22
N LEU A 161 16.41 -0.54 -9.90
CA LEU A 161 17.61 -0.36 -9.10
C LEU A 161 18.35 -1.69 -8.97
N HIS A 162 19.66 -1.62 -8.80
CA HIS A 162 20.46 -2.83 -8.65
C HIS A 162 20.37 -3.35 -7.21
N VAL A 163 19.17 -3.84 -6.89
CA VAL A 163 18.86 -4.61 -5.69
C VAL A 163 17.71 -5.53 -6.10
N SER A 164 17.40 -6.52 -5.26
CA SER A 164 16.36 -7.49 -5.60
C SER A 164 15.01 -6.81 -5.77
N GLU A 165 14.17 -7.38 -6.64
CA GLU A 165 12.79 -6.90 -6.76
C GLU A 165 12.08 -6.93 -5.41
N ARG A 166 12.32 -7.96 -4.61
CA ARG A 166 11.72 -8.03 -3.28
C ARG A 166 12.08 -6.81 -2.45
N SER A 167 13.38 -6.48 -2.40
CA SER A 167 13.83 -5.29 -1.67
C SER A 167 13.08 -4.06 -2.10
N GLN A 168 12.93 -3.91 -3.42
CA GLN A 168 12.33 -2.69 -3.93
C GLN A 168 10.84 -2.64 -3.62
N ARG A 169 10.18 -3.80 -3.64
CA ARG A 169 8.76 -3.83 -3.31
C ARG A 169 8.53 -3.53 -1.83
N ILE A 170 9.39 -4.04 -0.95
CA ILE A 170 9.18 -3.82 0.49
C ILE A 170 9.28 -2.33 0.81
N VAL A 171 10.21 -1.64 0.16
CA VAL A 171 10.44 -0.22 0.44
C VAL A 171 9.30 0.61 -0.09
N LYS A 172 8.81 0.29 -1.29
CA LYS A 172 7.64 0.98 -1.80
C LYS A 172 6.42 0.70 -0.92
N GLN A 173 6.33 -0.51 -0.36
CA GLN A 173 5.31 -0.75 0.67
C GLN A 173 5.50 0.20 1.84
N ALA A 174 6.74 0.34 2.33
CA ALA A 174 7.00 1.16 3.52
C ALA A 174 6.82 2.65 3.26
N MET A 175 6.99 3.09 2.01
CA MET A 175 6.79 4.48 1.61
C MET A 175 5.33 4.89 1.59
N LEU A 176 4.41 3.92 1.67
CA LEU A 176 2.98 4.17 1.61
C LEU A 176 2.57 5.24 2.60
N THR A 177 1.99 6.32 2.08
CA THR A 177 1.58 7.46 2.91
C THR A 177 0.07 7.66 2.91
N GLU A 178 -0.57 7.48 1.76
CA GLU A 178 -1.95 7.86 1.58
C GLU A 178 -2.56 7.00 0.47
N ALA A 179 -3.79 6.55 0.70
CA ALA A 179 -4.49 5.76 -0.30
C ALA A 179 -5.99 5.94 -0.10
N ASN A 180 -6.69 6.18 -1.21
CA ASN A 180 -8.13 6.29 -1.21
C ASN A 180 -8.60 5.94 -2.62
N GLY A 181 -9.90 6.09 -2.87
CA GLY A 181 -10.44 5.76 -4.18
C GLY A 181 -9.87 6.58 -5.32
N ASP A 182 -9.19 7.69 -5.01
CA ASP A 182 -8.70 8.62 -6.02
C ASP A 182 -7.22 8.43 -6.36
N TYR A 183 -6.38 8.10 -5.39
CA TYR A 183 -4.95 8.03 -5.68
C TYR A 183 -4.24 7.31 -4.54
N ILE A 184 -2.99 6.97 -4.78
CA ILE A 184 -2.06 6.46 -3.78
C ILE A 184 -0.82 7.34 -3.81
N ILE A 185 -0.38 7.81 -2.65
CA ILE A 185 0.90 8.51 -2.54
C ILE A 185 1.87 7.61 -1.80
N ARG A 186 3.02 7.37 -2.43
CA ARG A 186 4.17 6.76 -1.79
C ARG A 186 5.26 7.83 -1.76
N ALA A 187 5.75 8.15 -0.57
CA ALA A 187 6.56 9.34 -0.41
C ALA A 187 7.38 9.23 0.88
N LYS A 188 8.36 10.13 1.00
CA LYS A 188 9.11 10.29 2.24
C LYS A 188 9.51 11.75 2.41
N THR A 189 9.34 12.26 3.62
CA THR A 189 9.70 13.60 4.05
C THR A 189 11.13 13.63 4.58
N GLY A 190 11.69 14.83 4.65
CA GLY A 190 12.98 15.05 5.29
C GLY A 190 13.15 16.50 5.68
N TYR A 191 14.01 16.71 6.67
CA TYR A 191 14.29 18.04 7.22
C TYR A 191 15.73 18.05 7.70
N ASP A 192 16.57 18.97 7.18
CA ASP A 192 17.99 18.99 7.52
C ASP A 192 18.36 20.15 8.41
N THR A 193 17.37 20.86 8.95
CA THR A 193 17.39 22.06 9.81
C THR A 193 17.32 23.35 9.01
N LYS A 194 17.47 23.29 7.68
CA LYS A 194 17.45 24.48 6.83
C LYS A 194 16.52 24.29 5.66
N ILE A 195 16.32 23.04 5.24
CA ILE A 195 15.59 22.68 4.04
C ILE A 195 14.63 21.55 4.39
N GLY A 196 13.42 21.59 3.85
CA GLY A 196 12.45 20.53 4.04
C GLY A 196 12.22 19.83 2.70
N TRP A 197 12.11 18.50 2.76
CA TRP A 197 11.88 17.68 1.57
C TRP A 197 10.51 17.01 1.64
N TRP A 198 9.91 16.81 0.47
CA TRP A 198 8.90 15.76 0.28
C TRP A 198 9.14 15.19 -1.11
N VAL A 199 9.44 13.89 -1.18
CA VAL A 199 9.67 13.23 -2.46
C VAL A 199 8.90 11.91 -2.49
N GLY A 200 8.37 11.58 -3.66
CA GLY A 200 7.55 10.38 -3.86
C GLY A 200 6.83 10.41 -5.19
N TRP A 201 5.64 9.82 -5.20
CA TRP A 201 4.83 9.85 -6.41
C TRP A 201 3.37 9.63 -6.05
N VAL A 202 2.52 9.97 -7.02
CA VAL A 202 1.07 9.83 -6.93
C VAL A 202 0.66 8.79 -7.96
N GLU A 203 0.10 7.66 -7.51
CA GLU A 203 -0.41 6.65 -8.42
C GLU A 203 -1.86 6.97 -8.77
N LEU A 204 -2.17 6.88 -10.05
CA LEU A 204 -3.53 7.01 -10.56
C LEU A 204 -3.86 5.75 -11.37
N ASP A 205 -5.12 5.64 -11.77
CA ASP A 205 -5.57 4.48 -12.54
C ASP A 205 -4.69 4.20 -13.76
N ASP A 206 -4.24 5.24 -14.47
CA ASP A 206 -3.57 4.97 -15.73
C ASP A 206 -2.32 5.82 -15.93
N ASN A 207 -1.77 6.39 -14.86
CA ASN A 207 -0.54 7.15 -14.96
C ASN A 207 0.06 7.23 -13.57
N VAL A 208 1.33 7.63 -13.51
CA VAL A 208 1.98 7.93 -12.24
C VAL A 208 2.70 9.26 -12.38
N TRP A 209 2.61 10.08 -11.34
CA TRP A 209 3.21 11.41 -11.30
C TRP A 209 4.27 11.41 -10.22
N PHE A 210 5.52 11.50 -10.61
CA PHE A 210 6.60 11.62 -9.64
C PHE A 210 6.71 13.06 -9.17
N PHE A 211 7.04 13.24 -7.90
CA PHE A 211 7.23 14.59 -7.38
C PHE A 211 8.45 14.63 -6.48
N ALA A 212 9.05 15.81 -6.40
CA ALA A 212 10.13 16.09 -5.46
C ALA A 212 10.10 17.58 -5.20
N MET A 213 10.06 17.95 -3.93
CA MET A 213 9.98 19.34 -3.56
C MET A 213 10.92 19.59 -2.39
N ASN A 214 11.47 20.79 -2.35
CA ASN A 214 12.11 21.25 -1.14
C ASN A 214 11.84 22.74 -1.04
N MET A 215 11.96 23.24 0.19
CA MET A 215 11.64 24.61 0.51
C MET A 215 12.52 25.06 1.66
N ASP A 216 12.76 26.37 1.73
CA ASP A 216 13.45 26.90 2.89
C ASP A 216 12.59 26.69 4.13
N MET A 217 13.18 26.12 5.19
CA MET A 217 12.48 25.79 6.42
C MET A 217 13.25 26.33 7.63
N PRO A 218 13.21 27.64 7.86
CA PRO A 218 13.96 28.20 8.99
C PRO A 218 13.60 27.59 10.34
N THR A 219 12.36 27.15 10.54
CA THR A 219 11.92 26.59 11.82
C THR A 219 11.12 25.32 11.59
N SER A 220 11.07 24.48 12.62
CA SER A 220 10.28 23.26 12.55
C SER A 220 8.79 23.53 12.45
N ASP A 221 8.34 24.76 12.78
CA ASP A 221 6.91 25.03 12.86
C ASP A 221 6.23 24.90 11.51
N GLY A 222 6.95 25.12 10.42
CA GLY A 222 6.31 25.09 9.12
C GLY A 222 6.42 23.78 8.36
N LEU A 223 6.80 22.70 9.04
CA LEU A 223 7.05 21.44 8.33
C LEU A 223 5.80 20.95 7.60
N GLY A 224 4.60 21.21 8.14
CA GLY A 224 3.37 20.80 7.47
C GLY A 224 3.26 21.35 6.07
N LEU A 225 3.91 22.49 5.80
CA LEU A 225 3.81 23.13 4.49
C LEU A 225 4.38 22.26 3.38
N ARG A 226 5.34 21.38 3.70
CA ARG A 226 5.93 20.55 2.65
C ARG A 226 4.83 19.86 1.85
N GLN A 227 3.92 19.20 2.54
CA GLN A 227 2.84 18.49 1.87
C GLN A 227 1.74 19.44 1.40
N ALA A 228 1.44 20.47 2.20
CA ALA A 228 0.42 21.44 1.81
C ALA A 228 0.73 22.05 0.45
N ILE A 229 1.94 22.59 0.28
CA ILE A 229 2.27 23.27 -0.97
C ILE A 229 2.28 22.28 -2.13
N THR A 230 2.80 21.07 -1.89
CA THR A 230 2.79 20.04 -2.93
C THR A 230 1.37 19.67 -3.36
N LYS A 231 0.47 19.50 -2.39
CA LYS A 231 -0.89 19.11 -2.75
C LYS A 231 -1.62 20.24 -3.48
N GLU A 232 -1.35 21.49 -3.08
CA GLU A 232 -1.89 22.63 -3.81
C GLU A 232 -1.46 22.59 -5.27
N VAL A 233 -0.19 22.27 -5.53
CA VAL A 233 0.30 22.18 -6.91
C VAL A 233 -0.40 21.05 -7.65
N LEU A 234 -0.45 19.87 -7.03
CA LEU A 234 -1.12 18.73 -7.67
C LEU A 234 -2.59 19.04 -7.93
N LYS A 235 -3.24 19.76 -7.00
CA LYS A 235 -4.62 20.16 -7.19
C LYS A 235 -4.76 21.19 -8.30
N GLN A 236 -3.79 22.09 -8.45
CA GLN A 236 -3.84 23.05 -9.55
C GLN A 236 -3.68 22.34 -10.89
N GLU A 237 -2.88 21.30 -10.94
CA GLU A 237 -2.68 20.54 -12.17
C GLU A 237 -3.69 19.41 -12.33
N LYS A 238 -4.75 19.38 -11.51
CA LYS A 238 -5.78 18.35 -11.61
C LYS A 238 -5.18 16.95 -11.54
N ILE A 239 -4.10 16.81 -10.77
CA ILE A 239 -3.59 15.48 -10.46
C ILE A 239 -4.35 14.85 -9.28
N ILE A 240 -4.80 15.66 -8.31
CA ILE A 240 -5.65 15.20 -7.22
C ILE A 240 -6.81 16.18 -7.10
N PRO A 241 -8.01 15.75 -6.69
CA PRO A 241 -9.22 16.58 -6.60
C PRO A 241 -9.07 17.77 -5.65
N LYS B 3 -11.06 -19.07 25.69
N LYS B 3 -11.46 -19.17 25.55
CA LYS B 3 -11.52 -17.74 25.31
CA LYS B 3 -11.52 -17.73 25.30
C LYS B 3 -11.04 -17.38 23.90
C LYS B 3 -11.05 -17.39 23.89
N GLU B 4 -10.95 -18.38 23.02
CA GLU B 4 -10.47 -18.13 21.66
C GLU B 4 -11.47 -17.28 20.88
N TRP B 5 -12.74 -17.69 20.85
CA TRP B 5 -13.82 -16.97 20.18
C TRP B 5 -14.82 -16.45 21.19
N GLN B 6 -15.25 -15.23 21.01
CA GLN B 6 -16.25 -14.65 21.90
C GLN B 6 -17.33 -13.99 21.06
N GLU B 7 -18.56 -14.06 21.57
CA GLU B 7 -19.70 -13.41 20.95
C GLU B 7 -19.91 -12.03 21.58
N ASN B 8 -20.12 -11.02 20.74
CA ASN B 8 -20.43 -9.66 21.17
C ASN B 8 -21.71 -9.25 20.45
N LYS B 9 -22.85 -9.50 21.08
CA LYS B 9 -24.12 -9.20 20.45
C LYS B 9 -24.42 -7.71 20.36
N SER B 10 -23.64 -6.85 21.01
CA SER B 10 -23.93 -5.43 20.92
C SER B 10 -23.76 -4.94 19.48
N TRP B 11 -22.78 -5.49 18.75
CA TRP B 11 -22.60 -5.13 17.34
C TRP B 11 -23.87 -5.29 16.51
N ASN B 12 -24.83 -6.09 16.99
CA ASN B 12 -26.09 -6.22 16.28
C ASN B 12 -26.81 -4.88 16.15
N ALA B 13 -26.63 -3.99 17.13
CA ALA B 13 -27.17 -2.64 16.98
C ALA B 13 -26.75 -2.00 15.66
N HIS B 14 -25.57 -2.36 15.14
CA HIS B 14 -25.11 -1.77 13.89
C HIS B 14 -25.81 -2.33 12.67
N PHE B 15 -26.21 -3.60 12.71
CA PHE B 15 -27.09 -4.12 11.66
C PHE B 15 -28.53 -3.65 11.85
N THR B 16 -29.00 -3.68 13.10
CA THR B 16 -30.35 -3.23 13.42
C THR B 16 -30.57 -1.80 12.96
N GLU B 17 -29.54 -0.96 13.05
CA GLU B 17 -29.69 0.45 12.74
C GLU B 17 -30.05 0.66 11.28
N HIS B 18 -29.84 -0.34 10.43
CA HIS B 18 -30.14 -0.24 9.01
C HIS B 18 -31.08 -1.36 8.57
N LYS B 19 -31.95 -1.81 9.48
CA LYS B 19 -32.84 -2.96 9.29
C LYS B 19 -32.19 -4.02 8.40
N SER B 20 -30.95 -4.36 8.69
CA SER B 20 -30.23 -5.34 7.92
C SER B 20 -29.81 -6.48 8.83
N GLN B 21 -29.28 -7.54 8.23
CA GLN B 21 -28.89 -8.75 8.95
C GLN B 21 -27.57 -9.26 8.39
N GLY B 22 -26.69 -9.69 9.29
CA GLY B 22 -25.44 -10.26 8.86
C GLY B 22 -24.48 -10.41 10.02
N VAL B 23 -23.22 -10.58 9.66
CA VAL B 23 -22.19 -10.97 10.61
C VAL B 23 -20.92 -10.18 10.35
N VAL B 24 -20.28 -9.74 11.42
CA VAL B 24 -18.92 -9.23 11.39
C VAL B 24 -18.08 -10.18 12.23
N VAL B 25 -16.94 -10.62 11.69
CA VAL B 25 -15.98 -11.44 12.40
C VAL B 25 -14.65 -10.70 12.43
N LEU B 26 -14.06 -10.59 13.61
CA LEU B 26 -12.76 -9.95 13.82
C LEU B 26 -11.79 -10.95 14.42
N TRP B 27 -10.51 -10.77 14.10
CA TRP B 27 -9.44 -11.57 14.69
C TRP B 27 -8.33 -10.63 15.14
N ASN B 28 -8.10 -10.56 16.46
CA ASN B 28 -6.99 -9.82 17.02
C ASN B 28 -5.73 -10.66 16.87
N GLU B 29 -4.81 -10.21 16.00
CA GLU B 29 -3.67 -11.06 15.67
C GLU B 29 -2.75 -11.23 16.86
N ASN B 30 -2.45 -10.14 17.57
CA ASN B 30 -1.55 -10.23 18.72
C ASN B 30 -2.11 -11.16 19.79
N LYS B 31 -3.37 -11.00 20.13
CA LYS B 31 -3.95 -11.79 21.22
C LYS B 31 -4.51 -13.12 20.75
N GLN B 32 -4.45 -13.42 19.45
CA GLN B 32 -4.85 -14.71 18.90
C GLN B 32 -6.24 -15.07 19.40
N GLN B 33 -7.15 -14.11 19.22
CA GLN B 33 -8.47 -14.13 19.82
C GLN B 33 -9.45 -13.56 18.82
N GLY B 34 -10.62 -14.18 18.72
CA GLY B 34 -11.60 -13.80 17.72
C GLY B 34 -12.91 -13.34 18.34
N PHE B 35 -13.63 -12.51 17.60
CA PHE B 35 -14.87 -11.92 18.07
C PHE B 35 -15.87 -11.85 16.94
N THR B 36 -17.15 -12.02 17.27
CA THR B 36 -18.22 -11.93 16.29
C THR B 36 -19.54 -11.64 17.01
N ASN B 37 -20.45 -11.02 16.29
CA ASN B 37 -21.80 -10.81 16.79
C ASN B 37 -22.68 -12.05 16.63
N ASN B 38 -22.26 -13.03 15.84
CA ASN B 38 -23.13 -14.18 15.50
C ASN B 38 -22.24 -15.39 15.21
N LEU B 39 -21.95 -16.15 16.27
CA LEU B 39 -21.21 -17.40 16.15
C LEU B 39 -21.78 -18.33 15.08
N LYS B 40 -23.11 -18.48 15.02
CA LYS B 40 -23.65 -19.36 13.98
C LYS B 40 -23.30 -18.83 12.60
N ARG B 41 -23.64 -17.58 12.32
CA ARG B 41 -23.44 -17.06 10.98
C ARG B 41 -21.97 -16.90 10.64
N ALA B 42 -21.10 -16.74 11.65
CA ALA B 42 -19.68 -16.63 11.37
C ALA B 42 -19.14 -17.86 10.65
N ASN B 43 -19.69 -19.04 10.95
CA ASN B 43 -19.23 -20.29 10.36
C ASN B 43 -20.14 -20.80 9.24
N GLN B 44 -21.06 -19.97 8.76
CA GLN B 44 -21.91 -20.39 7.65
C GLN B 44 -21.24 -20.01 6.34
N ALA B 45 -21.35 -20.89 5.34
CA ALA B 45 -20.58 -20.75 4.11
C ALA B 45 -21.43 -20.11 3.02
N PHE B 46 -20.87 -19.11 2.34
CA PHE B 46 -21.56 -18.46 1.24
C PHE B 46 -20.73 -18.53 -0.04
N LEU B 47 -21.38 -18.30 -1.18
CA LEU B 47 -20.61 -18.00 -2.39
C LEU B 47 -19.65 -16.85 -2.12
N PRO B 48 -18.36 -16.97 -2.50
CA PRO B 48 -17.43 -15.87 -2.24
C PRO B 48 -17.61 -14.68 -3.16
N ALA B 49 -18.18 -14.89 -4.34
CA ALA B 49 -18.31 -13.85 -5.34
C ALA B 49 -16.97 -13.14 -5.50
N SER B 50 -16.99 -11.80 -5.65
CA SER B 50 -15.79 -11.06 -6.03
C SER B 50 -14.65 -11.19 -5.03
N THR B 51 -14.90 -11.58 -3.78
CA THR B 51 -13.76 -11.84 -2.90
C THR B 51 -12.91 -12.97 -3.41
N PHE B 52 -13.44 -13.80 -4.31
CA PHE B 52 -12.62 -14.82 -4.96
C PHE B 52 -11.53 -14.21 -5.83
N LYS B 53 -11.60 -12.91 -6.11
CA LYS B 53 -10.50 -12.27 -6.82
C LYS B 53 -9.18 -12.39 -6.07
N ILE B 54 -9.22 -12.56 -4.75
CA ILE B 54 -8.00 -12.69 -3.98
C ILE B 54 -7.30 -14.00 -4.34
N PRO B 55 -7.92 -15.19 -4.17
CA PRO B 55 -7.20 -16.41 -4.56
C PRO B 55 -6.97 -16.51 -6.06
N ASN B 56 -7.91 -16.04 -6.88
CA ASN B 56 -7.73 -16.02 -8.33
C ASN B 56 -6.48 -15.24 -8.72
N SER B 57 -6.32 -14.03 -8.16
CA SER B 57 -5.12 -13.23 -8.43
C SER B 57 -3.86 -14.01 -8.07
N LEU B 58 -3.84 -14.61 -6.87
CA LEU B 58 -2.69 -15.39 -6.42
C LEU B 58 -2.33 -16.49 -7.41
N ILE B 59 -3.32 -17.20 -7.93
CA ILE B 59 -3.06 -18.34 -8.82
C ILE B 59 -2.61 -17.84 -10.19
N ALA B 60 -3.30 -16.82 -10.70
CA ALA B 60 -2.92 -16.21 -11.97
C ALA B 60 -1.48 -15.75 -11.97
N LEU B 61 -1.07 -15.04 -10.90
CA LEU B 61 0.32 -14.61 -10.79
C LEU B 61 1.27 -15.79 -10.71
N ASP B 62 0.97 -16.76 -9.85
CA ASP B 62 1.93 -17.82 -9.61
C ASP B 62 2.06 -18.75 -10.80
N LEU B 63 1.00 -18.91 -11.59
CA LEU B 63 1.10 -19.70 -12.81
C LEU B 63 1.58 -18.91 -14.01
N GLY B 64 1.77 -17.60 -13.91
CA GLY B 64 2.27 -16.83 -15.02
C GLY B 64 1.22 -16.35 -16.00
N VAL B 65 -0.06 -16.68 -15.77
CA VAL B 65 -1.12 -16.05 -16.53
C VAL B 65 -1.02 -14.53 -16.42
N VAL B 66 -0.62 -14.03 -15.25
CA VAL B 66 -0.42 -12.61 -15.03
C VAL B 66 1.04 -12.38 -14.65
N LYS B 67 1.76 -11.60 -15.47
CA LYS B 67 3.20 -11.45 -15.32
C LYS B 67 3.58 -10.50 -14.20
N ASP B 68 2.82 -9.43 -14.02
CA ASP B 68 3.06 -8.47 -12.94
C ASP B 68 1.84 -7.55 -12.85
N GLU B 69 1.86 -6.65 -11.88
CA GLU B 69 0.69 -5.82 -11.60
C GLU B 69 0.40 -4.79 -12.69
N HIS B 70 1.29 -4.61 -13.69
CA HIS B 70 1.08 -3.61 -14.73
C HIS B 70 0.74 -4.18 -16.10
N GLN B 71 0.71 -5.51 -16.24
CA GLN B 71 0.31 -6.10 -17.51
C GLN B 71 -1.13 -5.69 -17.84
N VAL B 72 -1.35 -5.25 -19.07
CA VAL B 72 -2.64 -4.69 -19.43
C VAL B 72 -3.48 -5.79 -20.08
N PHE B 73 -4.76 -5.82 -19.73
CA PHE B 73 -5.72 -6.74 -20.30
C PHE B 73 -6.74 -5.87 -21.02
N LYS B 74 -6.66 -5.86 -22.34
CA LYS B 74 -7.43 -4.90 -23.11
C LYS B 74 -8.93 -5.24 -23.05
N TRP B 75 -9.74 -4.20 -23.06
CA TRP B 75 -11.18 -4.36 -23.06
C TRP B 75 -11.60 -5.19 -24.28
N ASP B 76 -12.44 -6.21 -24.05
CA ASP B 76 -12.81 -7.02 -25.20
C ASP B 76 -13.81 -6.34 -26.12
N GLY B 77 -14.21 -5.11 -25.82
CA GLY B 77 -15.17 -4.40 -26.63
C GLY B 77 -16.62 -4.69 -26.30
N GLN B 78 -16.88 -5.64 -25.40
CA GLN B 78 -18.25 -5.96 -25.01
C GLN B 78 -18.71 -4.94 -23.97
N THR B 79 -19.76 -4.19 -24.30
CA THR B 79 -20.29 -3.20 -23.38
C THR B 79 -21.06 -3.89 -22.28
N ARG B 80 -20.65 -3.67 -21.04
CA ARG B 80 -21.29 -4.28 -19.88
C ARG B 80 -21.86 -3.19 -18.97
N ASP B 81 -22.68 -3.63 -18.01
CA ASP B 81 -23.49 -2.69 -17.22
C ASP B 81 -22.67 -1.79 -16.31
N ILE B 82 -21.48 -2.20 -15.90
CA ILE B 82 -20.62 -1.37 -15.06
C ILE B 82 -19.64 -0.64 -15.98
N ALA B 83 -19.77 0.68 -16.05
CA ALA B 83 -19.00 1.46 -17.02
C ALA B 83 -17.50 1.27 -16.83
N THR B 84 -17.03 1.23 -15.57
CA THR B 84 -15.59 1.07 -15.34
C THR B 84 -15.05 -0.25 -15.88
N TRP B 85 -15.92 -1.19 -16.24
CA TRP B 85 -15.51 -2.45 -16.82
C TRP B 85 -15.18 -2.34 -18.30
N ASN B 86 -15.68 -1.31 -18.97
CA ASN B 86 -15.53 -1.20 -20.41
C ASN B 86 -14.27 -0.45 -20.79
N ARG B 87 -13.13 -0.89 -20.26
CA ARG B 87 -11.86 -0.23 -20.51
C ARG B 87 -10.74 -1.23 -20.27
N ASP B 88 -9.50 -0.81 -20.58
CA ASP B 88 -8.34 -1.64 -20.29
C ASP B 88 -8.03 -1.61 -18.79
N HIS B 89 -7.57 -2.75 -18.28
CA HIS B 89 -7.22 -2.86 -16.87
C HIS B 89 -5.90 -3.61 -16.70
N ASN B 90 -5.23 -3.32 -15.61
CA ASN B 90 -4.18 -4.16 -15.09
C ASN B 90 -4.71 -4.79 -13.81
N LEU B 91 -3.85 -5.51 -13.10
CA LEU B 91 -4.31 -6.25 -11.93
C LEU B 91 -4.82 -5.32 -10.84
N ILE B 92 -4.17 -4.17 -10.67
CA ILE B 92 -4.56 -3.22 -9.63
C ILE B 92 -5.95 -2.66 -9.92
N THR B 93 -6.17 -2.17 -11.15
CA THR B 93 -7.47 -1.57 -11.46
C THR B 93 -8.57 -2.63 -11.61
N ALA B 94 -8.23 -3.84 -12.07
CA ALA B 94 -9.23 -4.90 -12.18
C ALA B 94 -9.74 -5.32 -10.80
N MET B 95 -8.86 -5.31 -9.81
N MET B 95 -8.88 -5.30 -9.79
CA MET B 95 -9.25 -5.54 -8.43
CA MET B 95 -9.38 -5.57 -8.45
C MET B 95 -10.05 -4.36 -7.89
C MET B 95 -10.11 -4.35 -7.90
N LYS B 96 -9.57 -3.14 -8.16
CA LYS B 96 -10.19 -1.93 -7.62
C LYS B 96 -11.62 -1.77 -8.11
N TYR B 97 -11.84 -2.11 -9.37
CA TYR B 97 -13.14 -1.98 -10.01
C TYR B 97 -13.81 -3.33 -10.16
N SER B 98 -13.23 -4.38 -9.57
CA SER B 98 -13.89 -5.67 -9.42
C SER B 98 -14.36 -6.19 -10.77
N VAL B 99 -13.46 -6.12 -11.75
CA VAL B 99 -13.74 -6.37 -13.16
C VAL B 99 -13.79 -7.86 -13.45
N VAL B 100 -15.01 -8.41 -13.36
CA VAL B 100 -15.18 -9.86 -13.50
C VAL B 100 -14.66 -10.42 -14.83
N PRO B 101 -14.98 -9.82 -15.99
CA PRO B 101 -14.49 -10.42 -17.26
C PRO B 101 -12.99 -10.63 -17.30
N VAL B 102 -12.23 -9.71 -16.70
CA VAL B 102 -10.78 -9.90 -16.59
C VAL B 102 -10.47 -11.20 -15.85
N TYR B 103 -11.14 -11.43 -14.72
CA TYR B 103 -10.85 -12.61 -13.91
C TYR B 103 -11.43 -13.89 -14.50
N GLN B 104 -12.53 -13.81 -15.23
CA GLN B 104 -13.04 -15.00 -15.91
C GLN B 104 -12.05 -15.49 -16.96
N GLU B 105 -11.38 -14.55 -17.62
CA GLU B 105 -10.30 -14.89 -18.54
C GLU B 105 -9.11 -15.50 -17.80
N PHE B 106 -8.73 -14.93 -16.66
CA PHE B 106 -7.77 -15.59 -15.77
C PHE B 106 -8.18 -17.04 -15.51
N ALA B 107 -9.42 -17.24 -15.07
CA ALA B 107 -9.86 -18.58 -14.71
C ALA B 107 -9.81 -19.51 -15.91
N ARG B 108 -10.23 -19.02 -17.08
CA ARG B 108 -10.17 -19.85 -18.28
C ARG B 108 -8.75 -20.27 -18.60
N GLN B 109 -7.78 -19.35 -18.41
CA GLN B 109 -6.38 -19.70 -18.67
C GLN B 109 -5.81 -20.59 -17.57
N ILE B 110 -6.22 -20.36 -16.31
CA ILE B 110 -5.76 -21.25 -15.25
C ILE B 110 -6.22 -22.68 -15.53
N GLY B 111 -7.51 -22.85 -15.80
CA GLY B 111 -8.04 -24.16 -16.15
C GLY B 111 -8.51 -24.94 -14.93
N GLU B 112 -9.46 -25.85 -15.18
CA GLU B 112 -10.13 -26.56 -14.08
C GLU B 112 -9.14 -27.32 -13.21
N ALA B 113 -8.24 -28.10 -13.83
CA ALA B 113 -7.39 -28.98 -13.04
C ALA B 113 -6.48 -28.18 -12.12
N ARG B 114 -5.84 -27.13 -12.65
CA ARG B 114 -4.95 -26.33 -11.81
C ARG B 114 -5.74 -25.48 -10.81
N MET B 115 -6.91 -24.97 -11.21
CA MET B 115 -7.72 -24.21 -10.25
C MET B 115 -8.07 -25.07 -9.04
N SER B 116 -8.51 -26.31 -9.29
N SER B 116 -8.48 -26.31 -9.28
CA SER B 116 -8.87 -27.23 -8.20
CA SER B 116 -8.87 -27.19 -8.18
C SER B 116 -7.67 -27.53 -7.31
C SER B 116 -7.67 -27.56 -7.31
N LYS B 117 -6.54 -27.91 -7.93
CA LYS B 117 -5.34 -28.21 -7.15
C LYS B 117 -4.91 -27.05 -6.27
N MET B 118 -4.97 -25.83 -6.79
CA MET B 118 -4.53 -24.66 -6.04
C MET B 118 -5.50 -24.30 -4.92
N LEU B 119 -6.80 -24.36 -5.18
CA LEU B 119 -7.77 -24.08 -4.12
C LEU B 119 -7.64 -25.10 -2.99
N HIS B 120 -7.38 -26.35 -3.35
CA HIS B 120 -7.06 -27.39 -2.37
C HIS B 120 -5.77 -27.05 -1.62
N ALA B 121 -4.72 -26.63 -2.33
CA ALA B 121 -3.49 -26.23 -1.67
C ALA B 121 -3.72 -25.07 -0.71
N PHE B 122 -4.62 -24.15 -1.06
CA PHE B 122 -4.95 -23.04 -0.18
C PHE B 122 -5.90 -23.43 0.95
N ASP B 123 -6.43 -24.66 0.94
CA ASP B 123 -7.43 -25.07 1.92
C ASP B 123 -8.64 -24.13 1.89
N TYR B 124 -9.00 -23.69 0.68
CA TYR B 124 -9.95 -22.60 0.50
C TYR B 124 -11.39 -23.11 0.52
N GLY B 125 -12.14 -22.75 1.55
CA GLY B 125 -13.56 -23.09 1.59
C GLY B 125 -13.82 -24.57 1.46
N ASN B 126 -14.92 -24.92 0.79
CA ASN B 126 -15.20 -26.32 0.51
C ASN B 126 -14.36 -26.86 -0.65
N GLU B 127 -13.50 -26.02 -1.25
CA GLU B 127 -12.54 -26.44 -2.28
C GLU B 127 -13.22 -27.10 -3.48
N ASP B 128 -14.50 -26.76 -3.72
CA ASP B 128 -15.33 -27.34 -4.77
C ASP B 128 -15.54 -26.31 -5.88
N ILE B 129 -15.05 -26.60 -7.10
CA ILE B 129 -15.15 -25.63 -8.18
C ILE B 129 -16.24 -26.02 -9.16
N SER B 130 -17.25 -26.75 -8.69
CA SER B 130 -18.33 -27.23 -9.54
C SER B 130 -19.03 -26.08 -10.25
N GLY B 131 -19.36 -26.31 -11.52
CA GLY B 131 -19.89 -25.30 -12.40
C GLY B 131 -18.87 -24.85 -13.43
N ASN B 132 -19.17 -23.74 -14.09
CA ASN B 132 -18.31 -23.24 -15.15
C ASN B 132 -16.98 -22.78 -14.55
N VAL B 133 -15.89 -23.17 -15.21
CA VAL B 133 -14.55 -22.78 -14.71
C VAL B 133 -14.42 -21.27 -14.57
N ASP B 134 -15.17 -20.51 -15.38
CA ASP B 134 -15.08 -19.06 -15.33
C ASP B 134 -16.25 -18.41 -14.62
N SER B 135 -16.98 -19.15 -13.78
CA SER B 135 -18.09 -18.55 -13.07
C SER B 135 -18.45 -19.26 -11.76
N PHE B 136 -17.78 -20.38 -11.44
CA PHE B 136 -18.17 -21.22 -10.30
C PHE B 136 -18.17 -20.44 -8.98
N TRP B 137 -17.41 -19.35 -8.89
CA TRP B 137 -17.39 -18.54 -7.67
C TRP B 137 -18.53 -17.56 -7.58
N LEU B 138 -19.32 -17.43 -8.64
CA LEU B 138 -20.47 -16.53 -8.71
C LEU B 138 -21.79 -17.27 -8.74
N ASP B 139 -21.85 -18.40 -9.43
CA ASP B 139 -23.08 -19.18 -9.53
C ASP B 139 -22.81 -20.69 -9.50
N GLY B 140 -21.69 -21.11 -8.90
CA GLY B 140 -21.34 -22.51 -8.83
C GLY B 140 -21.33 -23.11 -7.43
N GLY B 141 -20.53 -24.15 -7.22
CA GLY B 141 -20.56 -24.92 -6.00
C GLY B 141 -19.54 -24.58 -4.93
N ILE B 142 -18.78 -23.50 -5.09
CA ILE B 142 -17.76 -23.12 -4.13
C ILE B 142 -18.43 -22.33 -3.00
N ARG B 143 -18.00 -22.58 -1.75
CA ARG B 143 -18.57 -21.91 -0.59
C ARG B 143 -17.48 -21.63 0.42
N ILE B 144 -17.64 -20.55 1.20
CA ILE B 144 -16.65 -20.21 2.23
C ILE B 144 -17.31 -19.38 3.31
N SER B 145 -16.95 -19.66 4.56
CA SER B 145 -17.45 -18.91 5.71
C SER B 145 -16.54 -17.71 6.05
N ALA B 146 -17.10 -16.77 6.81
CA ALA B 146 -16.32 -15.63 7.29
C ALA B 146 -15.10 -16.07 8.10
N THR B 147 -15.26 -17.04 9.01
CA THR B 147 -14.08 -17.49 9.74
C THR B 147 -13.08 -18.15 8.81
N GLU B 148 -13.56 -18.88 7.80
CA GLU B 148 -12.65 -19.44 6.81
C GLU B 148 -11.96 -18.34 6.01
N GLN B 149 -12.68 -17.25 5.72
CA GLN B 149 -12.05 -16.10 5.09
C GLN B 149 -10.88 -15.59 5.95
N ILE B 150 -11.12 -15.42 7.25
CA ILE B 150 -10.05 -14.97 8.14
C ILE B 150 -8.84 -15.89 8.03
N SER B 151 -9.06 -17.20 8.16
CA SER B 151 -7.96 -18.15 8.09
C SER B 151 -7.15 -17.99 6.81
N PHE B 152 -7.85 -17.89 5.67
CA PHE B 152 -7.19 -17.68 4.39
C PHE B 152 -6.41 -16.38 4.38
N LEU B 153 -7.03 -15.28 4.83
CA LEU B 153 -6.37 -13.99 4.79
C LEU B 153 -5.16 -13.94 5.71
N ARG B 154 -5.23 -14.64 6.85
CA ARG B 154 -4.10 -14.71 7.76
C ARG B 154 -2.92 -15.43 7.12
N LYS B 155 -3.21 -16.44 6.32
CA LYS B 155 -2.12 -17.12 5.62
C LYS B 155 -1.48 -16.18 4.61
N LEU B 156 -2.31 -15.42 3.89
CA LEU B 156 -1.78 -14.47 2.91
C LEU B 156 -0.93 -13.40 3.58
N TYR B 157 -1.41 -12.87 4.71
CA TYR B 157 -0.67 -11.88 5.48
C TYR B 157 0.72 -12.39 5.83
N HIS B 158 0.80 -13.63 6.30
CA HIS B 158 2.05 -14.22 6.74
C HIS B 158 2.83 -14.89 5.61
N ASN B 159 2.41 -14.71 4.36
CA ASN B 159 3.10 -15.29 3.21
C ASN B 159 3.18 -16.81 3.32
N LYS B 160 2.21 -17.43 4.00
CA LYS B 160 2.23 -18.85 4.26
C LYS B 160 1.37 -19.65 3.30
N LEU B 161 0.86 -19.03 2.26
CA LEU B 161 0.14 -19.77 1.24
C LEU B 161 1.12 -20.46 0.29
N HIS B 162 0.66 -21.53 -0.36
CA HIS B 162 1.53 -22.29 -1.26
C HIS B 162 1.58 -21.64 -2.64
N VAL B 163 1.99 -20.37 -2.63
CA VAL B 163 2.41 -19.61 -3.81
C VAL B 163 3.64 -18.81 -3.41
N SER B 164 4.27 -18.14 -4.39
CA SER B 164 5.53 -17.47 -4.08
C SER B 164 5.30 -16.26 -3.18
N GLU B 165 6.38 -15.84 -2.51
CA GLU B 165 6.28 -14.63 -1.71
C GLU B 165 5.89 -13.44 -2.57
N ARG B 166 6.46 -13.34 -3.77
CA ARG B 166 6.15 -12.26 -4.69
C ARG B 166 4.66 -12.23 -5.05
N SER B 167 4.10 -13.39 -5.42
CA SER B 167 2.67 -13.43 -5.72
C SER B 167 1.85 -12.91 -4.54
N GLN B 168 2.20 -13.32 -3.32
CA GLN B 168 1.41 -12.88 -2.19
C GLN B 168 1.55 -11.38 -1.97
N ARG B 169 2.77 -10.85 -2.15
CA ARG B 169 2.98 -9.41 -1.97
C ARG B 169 2.23 -8.59 -3.01
N ILE B 170 2.22 -9.06 -4.27
CA ILE B 170 1.54 -8.31 -5.31
C ILE B 170 0.05 -8.23 -5.02
N VAL B 171 -0.53 -9.32 -4.50
CA VAL B 171 -1.97 -9.36 -4.27
C VAL B 171 -2.35 -8.50 -3.06
N LYS B 172 -1.50 -8.48 -2.03
CA LYS B 172 -1.74 -7.56 -0.92
C LYS B 172 -1.58 -6.11 -1.37
N GLN B 173 -0.67 -5.83 -2.31
CA GLN B 173 -0.66 -4.50 -2.90
C GLN B 173 -1.96 -4.22 -3.66
N ALA B 174 -2.44 -5.21 -4.43
CA ALA B 174 -3.68 -5.01 -5.19
C ALA B 174 -4.89 -4.84 -4.27
N MET B 175 -4.86 -5.47 -3.09
CA MET B 175 -5.92 -5.34 -2.09
C MET B 175 -5.91 -4.01 -1.35
N LEU B 176 -4.87 -3.18 -1.53
CA LEU B 176 -4.80 -1.90 -0.84
C LEU B 176 -6.07 -1.10 -1.09
N THR B 177 -6.77 -0.75 -0.02
CA THR B 177 -8.02 -0.03 -0.09
C THR B 177 -7.94 1.35 0.55
N GLU B 178 -7.25 1.49 1.67
CA GLU B 178 -7.20 2.77 2.36
C GLU B 178 -5.90 2.86 3.17
N ALA B 179 -5.34 4.07 3.23
CA ALA B 179 -4.11 4.29 3.98
C ALA B 179 -4.06 5.73 4.46
N ASN B 180 -3.79 5.90 5.74
CA ASN B 180 -3.65 7.22 6.36
C ASN B 180 -2.73 7.07 7.56
N GLY B 181 -2.57 8.16 8.30
CA GLY B 181 -1.63 8.07 9.40
C GLY B 181 -2.08 7.17 10.53
N ASP B 182 -3.32 6.72 10.49
CA ASP B 182 -3.86 5.94 11.60
C ASP B 182 -3.93 4.45 11.31
N TYR B 183 -4.11 4.04 10.05
CA TYR B 183 -4.26 2.62 9.75
C TYR B 183 -4.17 2.40 8.24
N ILE B 184 -4.02 1.13 7.88
CA ILE B 184 -4.12 0.71 6.48
C ILE B 184 -5.17 -0.38 6.40
N ILE B 185 -6.04 -0.30 5.40
CA ILE B 185 -6.97 -1.39 5.10
C ILE B 185 -6.59 -1.98 3.75
N ARG B 186 -6.37 -3.30 3.76
CA ARG B 186 -6.30 -4.13 2.56
C ARG B 186 -7.48 -5.07 2.61
N ALA B 187 -8.33 -5.03 1.59
CA ALA B 187 -9.61 -5.71 1.68
C ALA B 187 -10.20 -5.85 0.28
N LYS B 188 -11.27 -6.66 0.19
CA LYS B 188 -12.03 -6.88 -1.02
C LYS B 188 -13.51 -7.02 -0.69
N THR B 189 -14.36 -6.38 -1.49
CA THR B 189 -15.81 -6.50 -1.39
C THR B 189 -16.31 -7.63 -2.29
N GLY B 190 -17.57 -8.02 -2.09
CA GLY B 190 -18.20 -8.98 -2.98
C GLY B 190 -19.70 -8.95 -2.85
N TYR B 191 -20.38 -9.41 -3.91
CA TYR B 191 -21.84 -9.43 -3.95
C TYR B 191 -22.30 -10.53 -4.91
N ASP B 192 -23.17 -11.43 -4.43
CA ASP B 192 -23.66 -12.52 -5.27
C ASP B 192 -25.14 -12.37 -5.58
N THR B 193 -25.71 -11.19 -5.37
CA THR B 193 -27.11 -10.78 -5.60
C THR B 193 -28.01 -11.13 -4.41
N LYS B 194 -27.54 -11.90 -3.42
CA LYS B 194 -28.27 -12.14 -2.18
C LYS B 194 -27.46 -11.81 -0.94
N ILE B 195 -26.15 -11.76 -1.06
CA ILE B 195 -25.23 -11.72 0.07
C ILE B 195 -24.12 -10.75 -0.33
N GLY B 196 -23.76 -9.84 0.58
CA GLY B 196 -22.64 -8.95 0.39
C GLY B 196 -21.49 -9.35 1.30
N TRP B 197 -20.25 -9.23 0.80
CA TRP B 197 -19.03 -9.55 1.54
C TRP B 197 -18.13 -8.31 1.66
N TRP B 198 -17.44 -8.20 2.80
CA TRP B 198 -16.23 -7.40 2.91
C TRP B 198 -15.25 -8.17 3.80
N VAL B 199 -14.07 -8.49 3.26
CA VAL B 199 -13.06 -9.25 3.97
C VAL B 199 -11.70 -8.57 3.77
N GLY B 200 -10.85 -8.62 4.79
CA GLY B 200 -9.55 -8.00 4.69
C GLY B 200 -8.90 -7.85 6.07
N TRP B 201 -8.10 -6.80 6.22
CA TRP B 201 -7.56 -6.52 7.55
C TRP B 201 -7.23 -5.04 7.70
N VAL B 202 -7.03 -4.65 8.96
CA VAL B 202 -6.68 -3.30 9.36
C VAL B 202 -5.30 -3.38 10.00
N GLU B 203 -4.30 -2.79 9.34
CA GLU B 203 -2.94 -2.73 9.85
C GLU B 203 -2.79 -1.55 10.80
N LEU B 204 -2.33 -1.82 12.02
CA LEU B 204 -1.99 -0.79 12.99
C LEU B 204 -0.48 -0.78 13.23
N ASP B 205 -0.02 0.23 13.98
CA ASP B 205 1.40 0.33 14.28
C ASP B 205 1.92 -0.96 14.88
N ASP B 206 1.15 -1.54 15.81
CA ASP B 206 1.61 -2.64 16.64
C ASP B 206 0.68 -3.86 16.60
N ASN B 207 -0.25 -3.93 15.66
CA ASN B 207 -1.17 -5.05 15.62
C ASN B 207 -1.88 -5.07 14.27
N VAL B 208 -2.48 -6.22 13.97
CA VAL B 208 -3.34 -6.37 12.81
C VAL B 208 -4.67 -6.96 13.25
N TRP B 209 -5.76 -6.38 12.75
CA TRP B 209 -7.10 -6.91 12.96
C TRP B 209 -7.61 -7.46 11.63
N PHE B 210 -7.69 -8.78 11.51
CA PHE B 210 -8.38 -9.36 10.38
C PHE B 210 -9.88 -9.18 10.54
N PHE B 211 -10.59 -9.14 9.42
CA PHE B 211 -12.04 -9.00 9.48
C PHE B 211 -12.66 -9.66 8.26
N ALA B 212 -13.80 -10.27 8.47
CA ALA B 212 -14.63 -10.77 7.39
C ALA B 212 -16.08 -10.55 7.81
N MET B 213 -16.84 -9.89 6.95
CA MET B 213 -18.24 -9.59 7.20
C MET B 213 -19.05 -10.05 6.00
N ASN B 214 -20.30 -10.42 6.27
CA ASN B 214 -21.28 -10.55 5.19
C ASN B 214 -22.66 -10.20 5.75
N MET B 215 -23.59 -9.93 4.85
CA MET B 215 -24.89 -9.43 5.24
C MET B 215 -25.86 -9.70 4.10
N ASP B 216 -27.14 -9.77 4.44
CA ASP B 216 -28.18 -9.95 3.45
C ASP B 216 -28.29 -8.70 2.59
N MET B 217 -28.39 -8.89 1.27
CA MET B 217 -28.33 -7.78 0.31
C MET B 217 -29.43 -7.92 -0.72
N PRO B 218 -30.67 -7.62 -0.34
CA PRO B 218 -31.78 -7.84 -1.28
C PRO B 218 -31.65 -7.02 -2.54
N THR B 219 -31.14 -5.79 -2.45
CA THR B 219 -30.82 -4.99 -3.62
C THR B 219 -29.42 -4.40 -3.48
N SER B 220 -28.89 -3.94 -4.61
CA SER B 220 -27.57 -3.34 -4.63
C SER B 220 -27.52 -1.98 -3.95
N ASP B 221 -28.67 -1.40 -3.62
CA ASP B 221 -28.69 -0.06 -3.06
C ASP B 221 -28.02 0.01 -1.71
N GLY B 222 -27.91 -1.10 -1.00
CA GLY B 222 -27.32 -1.02 0.32
C GLY B 222 -25.89 -1.49 0.35
N LEU B 223 -25.24 -1.57 -0.82
CA LEU B 223 -23.92 -2.19 -0.89
C LEU B 223 -22.88 -1.47 -0.04
N GLY B 224 -23.02 -0.15 0.14
CA GLY B 224 -22.10 0.59 0.98
C GLY B 224 -22.20 0.26 2.45
N LEU B 225 -23.29 -0.42 2.86
CA LEU B 225 -23.41 -0.88 4.24
C LEU B 225 -22.33 -1.87 4.62
N ARG B 226 -21.77 -2.58 3.63
CA ARG B 226 -20.72 -3.55 3.94
C ARG B 226 -19.58 -2.87 4.66
N GLN B 227 -19.10 -1.75 4.12
CA GLN B 227 -18.01 -1.05 4.76
C GLN B 227 -18.51 -0.20 5.92
N ALA B 228 -19.71 0.37 5.79
CA ALA B 228 -20.25 1.24 6.83
C ALA B 228 -20.43 0.48 8.14
N ILE B 229 -21.07 -0.70 8.08
CA ILE B 229 -21.35 -1.47 9.30
C ILE B 229 -20.06 -2.02 9.90
N THR B 230 -19.17 -2.58 9.06
CA THR B 230 -17.84 -2.98 9.52
C THR B 230 -17.13 -1.83 10.24
N LYS B 231 -17.06 -0.66 9.60
CA LYS B 231 -16.35 0.47 10.22
C LYS B 231 -17.00 0.91 11.52
N GLU B 232 -18.32 0.79 11.62
CA GLU B 232 -18.98 1.04 12.90
C GLU B 232 -18.45 0.11 13.99
N VAL B 233 -18.31 -1.18 13.67
CA VAL B 233 -17.76 -2.13 14.64
C VAL B 233 -16.33 -1.75 15.00
N LEU B 234 -15.48 -1.55 13.98
CA LEU B 234 -14.08 -1.20 14.24
C LEU B 234 -13.97 0.07 15.09
N LYS B 235 -14.85 1.05 14.85
CA LYS B 235 -14.85 2.25 15.68
C LYS B 235 -15.24 1.92 17.11
N GLN B 236 -16.32 1.15 17.27
CA GLN B 236 -16.77 0.74 18.59
C GLN B 236 -15.66 0.06 19.37
N GLU B 237 -14.89 -0.79 18.70
CA GLU B 237 -13.81 -1.48 19.38
C GLU B 237 -12.56 -0.65 19.47
N LYS B 238 -12.60 0.60 19.02
CA LYS B 238 -11.48 1.53 19.05
C LYS B 238 -10.30 1.03 18.21
N ILE B 239 -10.57 0.16 17.22
CA ILE B 239 -9.54 -0.21 16.27
C ILE B 239 -9.25 0.95 15.33
N ILE B 240 -10.24 1.81 15.08
CA ILE B 240 -10.03 3.00 14.24
C ILE B 240 -10.77 4.17 14.86
N PRO B 241 -10.29 5.40 14.59
CA PRO B 241 -10.89 6.62 15.17
C PRO B 241 -12.36 6.82 14.77
#